data_1MEX
#
_entry.id   1MEX
#
_cell.length_a   45.320
_cell.length_b   83.310
_cell.length_c   107.180
_cell.angle_alpha   90.00
_cell.angle_beta   90.00
_cell.angle_gamma   90.00
#
_symmetry.space_group_name_H-M   'P 21 21 21'
#
loop_
_entity.id
_entity.type
_entity.pdbx_description
1 polymer 'Fab 29G12 light chain'
2 polymer 'Fab 29G12 heavy chain'
3 non-polymer '4-(2-DIMETHYLCARBAMOYL-PHENYLCARBAMOYLOXYMETHYL)-BENZOIC ACID'
4 water water
#
loop_
_entity_poly.entity_id
_entity_poly.type
_entity_poly.pdbx_seq_one_letter_code
_entity_poly.pdbx_strand_id
1 'polypeptide(L)'
;DIVMTQSQKFMSTSLGNRVSVTCKASQNVGTNVAWFQQKPGQSPKTLIYSASYRYSGVPDRFTGSGSGTDFTLTINNVQS
EDLAEYFCQQYNSYPYTFGGGTKLEIKRADAAPTVSIFPPSSEQLTGGGASVVCFLNNFYPKDINVKWKIDGSERQNGVL
NSWTDQDSKDSTYSMSSTLTLTKDEYERHNSYTCEATHKTSTSPIVKSFNRNE
;
L
2 'polypeptide(L)'
;QVQLQQSDAELVKPGASVKISCKASGYTFTDHAIHWVKQKPEQGLEWIGYISPGNGDIKYNEKFKGKATLTADKSSSTAY
MQLNSLTSEDSAVYFCKMEYLDYWGQGTTLTVSSGGTTPPSVYPLAPGSAAQAATNSVTLGCLVKGYFPEPVTVTWNSGS
LSSGVHTFPAVLQSDLYTLSSSVTVPSSTWPSQSVTCNVAHPASSTAVDKKIAPA
;
H
#
loop_
_chem_comp.id
_chem_comp.type
_chem_comp.name
_chem_comp.formula
RAC non-polymer '4-(2-DIMETHYLCARBAMOYL-PHENYLCARBAMOYLOXYMETHYL)-BENZOIC ACID' 'C18 H18 N2 O5'
#
# COMPACT_ATOMS: atom_id res chain seq x y z
N ASP A 1 -21.38 -15.51 -13.86
CA ASP A 1 -21.36 -14.35 -13.00
C ASP A 1 -20.99 -13.12 -13.84
N ILE A 2 -21.47 -12.00 -13.33
CA ILE A 2 -21.42 -10.76 -14.07
C ILE A 2 -20.03 -10.15 -13.95
N VAL A 3 -19.48 -9.77 -15.07
CA VAL A 3 -18.18 -9.11 -15.10
C VAL A 3 -18.39 -7.59 -15.18
N MET A 4 -17.82 -6.86 -14.23
CA MET A 4 -17.82 -5.42 -14.25
C MET A 4 -16.48 -4.91 -14.73
N THR A 5 -16.45 -4.18 -15.84
CA THR A 5 -15.19 -3.79 -16.44
C THR A 5 -14.97 -2.28 -16.28
N GLN A 6 -13.84 -1.94 -15.66
CA GLN A 6 -13.30 -0.58 -15.63
C GLN A 6 -12.05 -0.64 -16.52
N SER A 7 -12.21 -0.14 -17.74
CA SER A 7 -11.13 -0.24 -18.72
C SER A 7 -9.99 0.71 -18.43
N GLN A 8 -10.17 1.75 -17.61
CA GLN A 8 -9.07 2.62 -17.34
C GLN A 8 -8.45 2.29 -16.00
N LYS A 9 -7.20 1.88 -16.02
CA LYS A 9 -6.55 1.66 -14.73
C LYS A 9 -6.18 2.95 -14.02
N PHE A 10 -5.93 3.97 -14.82
CA PHE A 10 -5.61 5.27 -14.28
C PHE A 10 -6.39 6.33 -15.02
N MET A 11 -6.70 7.42 -14.31
CA MET A 11 -7.25 8.61 -14.93
C MET A 11 -6.58 9.83 -14.29
N SER A 12 -6.09 10.72 -15.11
CA SER A 12 -5.35 11.86 -14.61
C SER A 12 -6.20 13.14 -14.72
N THR A 13 -6.13 13.99 -13.73
CA THR A 13 -6.89 15.21 -13.63
C THR A 13 -6.17 16.25 -12.83
N SER A 14 -6.38 17.50 -13.17
CA SER A 14 -5.99 18.60 -12.32
C SER A 14 -7.04 18.76 -11.21
N LEU A 15 -6.54 19.20 -10.05
CA LEU A 15 -7.47 19.66 -9.04
C LEU A 15 -8.29 20.81 -9.60
N GLY A 16 -9.56 20.81 -9.26
CA GLY A 16 -10.51 21.82 -9.69
C GLY A 16 -11.19 21.49 -11.01
N ASN A 17 -10.73 20.43 -11.68
CA ASN A 17 -11.41 19.98 -12.88
C ASN A 17 -12.38 18.85 -12.64
N ARG A 18 -13.04 18.43 -13.71
CA ARG A 18 -14.02 17.33 -13.70
C ARG A 18 -13.38 16.08 -14.28
N VAL A 19 -13.62 14.94 -13.66
CA VAL A 19 -13.17 13.67 -14.20
C VAL A 19 -14.33 12.69 -14.14
N SER A 20 -14.38 11.77 -15.10
CA SER A 20 -15.39 10.72 -15.11
C SER A 20 -14.71 9.37 -15.25
N VAL A 21 -15.22 8.40 -14.51
CA VAL A 21 -14.71 7.03 -14.52
C VAL A 21 -15.84 6.16 -15.07
N THR A 22 -15.56 5.29 -16.02
CA THR A 22 -16.56 4.41 -16.58
C THR A 22 -16.47 2.99 -16.08
N CYS A 23 -17.64 2.33 -16.16
CA CYS A 23 -17.76 0.96 -15.76
C CYS A 23 -18.80 0.27 -16.64
N LYS A 24 -18.51 -0.89 -17.14
CA LYS A 24 -19.40 -1.59 -18.02
C LYS A 24 -19.81 -2.91 -17.39
N ALA A 25 -21.05 -3.26 -17.44
CA ALA A 25 -21.49 -4.59 -16.95
C ALA A 25 -21.63 -5.54 -18.11
N SER A 26 -21.27 -6.80 -17.94
CA SER A 26 -21.30 -7.75 -19.06
C SER A 26 -22.72 -8.18 -19.41
N GLN A 27 -23.66 -7.95 -18.52
CA GLN A 27 -25.06 -8.18 -18.81
C GLN A 27 -25.81 -7.16 -17.96
N ASN A 28 -27.11 -7.04 -18.28
CA ASN A 28 -27.92 -6.05 -17.59
C ASN A 28 -27.87 -6.20 -16.10
N VAL A 29 -27.64 -5.10 -15.39
CA VAL A 29 -27.71 -5.03 -13.94
C VAL A 29 -28.67 -3.94 -13.46
N GLY A 30 -29.49 -3.44 -14.38
CA GLY A 30 -30.48 -2.43 -14.00
C GLY A 30 -29.77 -1.18 -13.48
N THR A 31 -30.24 -0.61 -12.37
CA THR A 31 -29.53 0.48 -11.71
C THR A 31 -28.87 0.01 -10.42
N ASN A 32 -28.71 -1.32 -10.29
CA ASN A 32 -28.11 -1.82 -9.05
C ASN A 32 -26.60 -1.89 -9.08
N VAL A 33 -26.05 -0.67 -9.12
CA VAL A 33 -24.63 -0.41 -9.19
C VAL A 33 -24.24 0.57 -8.11
N ALA A 34 -23.15 0.30 -7.44
CA ALA A 34 -22.57 1.18 -6.46
C ALA A 34 -21.17 1.55 -6.92
N TRP A 35 -20.71 2.67 -6.37
CA TRP A 35 -19.35 3.13 -6.50
C TRP A 35 -18.72 3.35 -5.13
N PHE A 36 -17.44 2.99 -5.04
CA PHE A 36 -16.67 3.11 -3.82
C PHE A 36 -15.35 3.79 -4.09
N GLN A 37 -14.90 4.49 -3.07
CA GLN A 37 -13.60 5.12 -2.99
C GLN A 37 -12.72 4.37 -2.03
N GLN A 38 -11.44 4.16 -2.35
CA GLN A 38 -10.56 3.49 -1.38
C GLN A 38 -9.17 4.10 -1.44
N LYS A 39 -8.65 4.38 -0.28
CA LYS A 39 -7.29 4.87 -0.10
C LYS A 39 -6.44 3.74 0.49
N PRO A 40 -5.13 3.83 0.28
CA PRO A 40 -4.24 2.75 0.71
C PRO A 40 -4.39 2.42 2.18
N GLY A 41 -4.54 1.13 2.46
CA GLY A 41 -4.69 0.59 3.76
C GLY A 41 -6.02 0.80 4.43
N GLN A 42 -6.95 1.40 3.75
CA GLN A 42 -8.25 1.67 4.32
C GLN A 42 -9.33 0.84 3.70
N SER A 43 -10.46 0.69 4.41
CA SER A 43 -11.62 0.08 3.79
C SER A 43 -12.19 1.01 2.71
N PRO A 44 -12.92 0.45 1.78
CA PRO A 44 -13.65 1.28 0.82
C PRO A 44 -14.71 2.11 1.51
N LYS A 45 -15.09 3.17 0.85
CA LYS A 45 -16.16 4.08 1.27
C LYS A 45 -17.18 4.23 0.17
N THR A 46 -18.46 4.06 0.50
CA THR A 46 -19.55 4.16 -0.44
C THR A 46 -19.73 5.61 -0.87
N LEU A 47 -19.77 5.79 -2.21
CA LEU A 47 -20.07 7.07 -2.78
C LEU A 47 -21.47 7.16 -3.37
N ILE A 48 -21.85 6.16 -4.16
CA ILE A 48 -23.07 6.15 -4.97
C ILE A 48 -23.73 4.78 -4.83
N TYR A 49 -25.05 4.77 -4.76
CA TYR A 49 -25.79 3.51 -4.86
C TYR A 49 -26.95 3.73 -5.80
N SER A 50 -27.56 2.63 -6.24
CA SER A 50 -28.66 2.72 -7.21
C SER A 50 -28.26 3.56 -8.44
N ALA A 51 -27.00 3.39 -8.80
CA ALA A 51 -26.34 3.98 -9.97
C ALA A 51 -26.17 5.49 -9.87
N SER A 52 -27.09 6.23 -9.27
CA SER A 52 -27.08 7.68 -9.33
C SER A 52 -27.39 8.39 -8.01
N TYR A 53 -27.57 7.68 -6.93
CA TYR A 53 -27.90 8.26 -5.65
C TYR A 53 -26.65 8.41 -4.82
N ARG A 54 -26.47 9.57 -4.25
CA ARG A 54 -25.30 9.86 -3.43
C ARG A 54 -25.52 9.36 -2.03
N TYR A 55 -24.57 8.63 -1.50
CA TYR A 55 -24.64 8.15 -0.13
C TYR A 55 -24.58 9.32 0.83
N SER A 56 -25.25 9.24 1.99
CA SER A 56 -25.30 10.36 2.90
C SER A 56 -23.92 10.79 3.33
N GLY A 57 -23.72 12.09 3.25
CA GLY A 57 -22.47 12.69 3.67
C GLY A 57 -21.41 12.79 2.59
N VAL A 58 -21.68 12.17 1.45
CA VAL A 58 -20.73 12.26 0.35
C VAL A 58 -20.88 13.63 -0.28
N PRO A 59 -19.78 14.32 -0.58
CA PRO A 59 -19.91 15.65 -1.19
C PRO A 59 -20.75 15.59 -2.45
N ASP A 60 -21.49 16.67 -2.71
CA ASP A 60 -22.34 16.82 -3.89
C ASP A 60 -21.52 16.99 -5.15
N ARG A 61 -20.20 17.10 -5.02
CA ARG A 61 -19.30 17.02 -6.18
C ARG A 61 -19.30 15.67 -6.88
N PHE A 62 -19.77 14.62 -6.22
CA PHE A 62 -19.84 13.30 -6.78
C PHE A 62 -21.23 13.03 -7.33
N THR A 63 -21.29 12.52 -8.53
CA THR A 63 -22.52 12.09 -9.18
C THR A 63 -22.27 10.76 -9.90
N GLY A 64 -23.38 10.06 -10.19
CA GLY A 64 -23.32 8.79 -10.88
C GLY A 64 -24.42 8.74 -11.92
N SER A 65 -24.23 7.98 -12.97
CA SER A 65 -25.25 7.79 -13.99
C SER A 65 -25.14 6.40 -14.60
N GLY A 66 -26.26 5.99 -15.24
CA GLY A 66 -26.30 4.80 -16.05
C GLY A 66 -27.39 3.82 -15.59
N SER A 67 -27.72 2.98 -16.55
CA SER A 67 -28.66 1.88 -16.29
C SER A 67 -28.36 0.79 -17.29
N GLY A 68 -28.55 -0.46 -16.93
CA GLY A 68 -28.36 -1.58 -17.84
C GLY A 68 -26.92 -2.04 -17.83
N THR A 69 -26.09 -1.48 -18.69
CA THR A 69 -24.74 -2.00 -18.81
C THR A 69 -23.65 -0.93 -18.76
N ASP A 70 -23.98 0.36 -18.79
CA ASP A 70 -23.01 1.41 -18.94
C ASP A 70 -23.21 2.44 -17.82
N PHE A 71 -22.19 2.61 -17.00
CA PHE A 71 -22.23 3.43 -15.81
C PHE A 71 -21.07 4.42 -15.76
N THR A 72 -21.26 5.56 -15.14
CA THR A 72 -20.23 6.58 -14.97
C THR A 72 -20.29 7.22 -13.61
N LEU A 73 -19.12 7.36 -13.01
CA LEU A 73 -18.91 8.16 -11.81
C LEU A 73 -18.29 9.46 -12.23
N THR A 74 -18.85 10.58 -11.84
CA THR A 74 -18.27 11.90 -12.17
C THR A 74 -17.95 12.66 -10.88
N ILE A 75 -16.75 13.21 -10.86
CA ILE A 75 -16.27 14.03 -9.78
C ILE A 75 -16.02 15.44 -10.34
N ASN A 76 -16.78 16.40 -9.81
CA ASN A 76 -16.59 17.79 -10.21
C ASN A 76 -15.61 18.43 -9.23
N ASN A 77 -14.91 19.46 -9.68
CA ASN A 77 -14.03 20.24 -8.82
C ASN A 77 -13.13 19.33 -7.97
N VAL A 78 -12.38 18.48 -8.64
CA VAL A 78 -11.61 17.47 -7.93
C VAL A 78 -10.71 18.12 -6.88
N GLN A 79 -10.71 17.54 -5.69
CA GLN A 79 -9.98 17.98 -4.54
C GLN A 79 -8.89 17.00 -4.22
N SER A 80 -7.91 17.44 -3.48
CA SER A 80 -6.75 16.58 -3.11
C SER A 80 -7.23 15.32 -2.45
N GLU A 81 -8.22 15.37 -1.58
CA GLU A 81 -8.72 14.24 -0.85
C GLU A 81 -9.41 13.21 -1.76
N ASP A 82 -9.63 13.53 -3.00
CA ASP A 82 -10.21 12.59 -3.96
C ASP A 82 -9.18 11.66 -4.55
N LEU A 83 -7.89 11.89 -4.31
CA LEU A 83 -6.86 10.93 -4.76
C LEU A 83 -7.13 9.59 -4.10
N ALA A 84 -7.44 8.56 -4.86
CA ALA A 84 -7.94 7.30 -4.35
C ALA A 84 -8.14 6.40 -5.56
N GLU A 85 -8.45 5.14 -5.30
CA GLU A 85 -8.90 4.17 -6.28
C GLU A 85 -10.40 4.10 -6.21
N TYR A 86 -11.04 4.03 -7.36
CA TYR A 86 -12.50 4.02 -7.48
C TYR A 86 -12.94 2.70 -8.07
N PHE A 87 -13.94 2.06 -7.44
CA PHE A 87 -14.47 0.77 -7.89
C PHE A 87 -15.97 0.85 -8.12
N CYS A 88 -16.46 0.24 -9.17
CA CYS A 88 -17.88 -0.02 -9.30
C CYS A 88 -18.18 -1.45 -8.84
N GLN A 89 -19.44 -1.71 -8.61
CA GLN A 89 -19.91 -2.98 -8.16
C GLN A 89 -21.35 -3.17 -8.58
N GLN A 90 -21.73 -4.34 -9.01
CA GLN A 90 -23.12 -4.66 -9.24
C GLN A 90 -23.65 -5.47 -8.04
N TYR A 91 -24.92 -5.27 -7.69
CA TYR A 91 -25.61 -6.09 -6.71
C TYR A 91 -26.99 -6.44 -7.22
N ASN A 92 -27.13 -6.47 -8.54
CA ASN A 92 -28.39 -6.87 -9.13
C ASN A 92 -28.68 -8.35 -8.91
N SER A 93 -27.63 -9.15 -8.85
CA SER A 93 -27.79 -10.61 -8.73
C SER A 93 -26.54 -11.14 -8.05
N TYR A 94 -26.66 -12.31 -7.44
CA TYR A 94 -25.58 -12.98 -6.75
C TYR A 94 -24.82 -13.81 -7.78
N PRO A 95 -23.50 -13.90 -7.59
CA PRO A 95 -22.75 -13.18 -6.55
C PRO A 95 -22.54 -11.74 -6.95
N TYR A 96 -22.46 -10.87 -5.94
CA TYR A 96 -22.09 -9.48 -6.19
C TYR A 96 -20.69 -9.45 -6.75
N THR A 97 -20.42 -8.56 -7.69
CA THR A 97 -19.09 -8.49 -8.31
C THR A 97 -18.68 -7.06 -8.50
N PHE A 98 -17.36 -6.88 -8.48
CA PHE A 98 -16.74 -5.57 -8.51
C PHE A 98 -15.89 -5.40 -9.77
N GLY A 99 -15.81 -4.15 -10.20
CA GLY A 99 -14.85 -3.76 -11.20
C GLY A 99 -13.43 -3.79 -10.67
N GLY A 100 -12.46 -3.69 -11.59
CA GLY A 100 -11.08 -3.85 -11.25
C GLY A 100 -10.44 -2.61 -10.67
N GLY A 101 -11.15 -1.50 -10.62
CA GLY A 101 -10.59 -0.26 -10.04
C GLY A 101 -9.96 0.67 -11.04
N THR A 102 -10.11 1.97 -10.77
CA THR A 102 -9.47 3.04 -11.52
C THR A 102 -8.80 3.94 -10.51
N LYS A 103 -7.50 4.16 -10.65
CA LYS A 103 -6.78 5.06 -9.77
C LYS A 103 -6.75 6.43 -10.36
N LEU A 104 -7.12 7.40 -9.56
CA LEU A 104 -7.00 8.78 -9.96
C LEU A 104 -5.51 9.16 -9.84
N GLU A 105 -5.04 9.99 -10.76
CA GLU A 105 -3.78 10.68 -10.69
C GLU A 105 -4.00 12.18 -10.71
N ILE A 106 -3.28 12.89 -9.88
CA ILE A 106 -3.41 14.35 -9.85
C ILE A 106 -2.28 14.96 -10.63
N LYS A 107 -2.63 15.87 -11.51
CA LYS A 107 -1.61 16.63 -12.24
C LYS A 107 -1.02 17.72 -11.37
N ARG A 108 0.23 18.03 -11.65
CA ARG A 108 0.92 19.12 -10.95
C ARG A 108 2.07 19.57 -11.83
N ALA A 109 2.69 20.69 -11.41
CA ALA A 109 3.83 21.22 -12.10
C ALA A 109 4.99 20.21 -12.02
N ASP A 110 5.81 20.21 -13.06
CA ASP A 110 6.99 19.37 -13.08
C ASP A 110 7.89 19.70 -11.89
N ALA A 111 8.48 18.69 -11.32
CA ALA A 111 9.39 18.79 -10.17
C ALA A 111 10.55 17.82 -10.37
N ALA A 112 11.75 18.34 -10.24
CA ALA A 112 12.91 17.47 -10.33
C ALA A 112 13.11 16.58 -9.15
N PRO A 113 13.60 15.35 -9.33
CA PRO A 113 13.89 14.57 -8.13
C PRO A 113 15.08 15.07 -7.34
N THR A 114 14.98 14.86 -6.04
CA THR A 114 16.11 15.03 -5.14
C THR A 114 16.74 13.66 -5.00
N VAL A 115 17.97 13.52 -5.43
CA VAL A 115 18.63 12.22 -5.48
C VAL A 115 19.70 12.15 -4.41
N SER A 116 19.69 11.04 -3.68
CA SER A 116 20.64 10.80 -2.61
C SER A 116 21.17 9.38 -2.72
N ILE A 117 22.48 9.18 -2.58
CA ILE A 117 23.10 7.85 -2.62
C ILE A 117 23.75 7.55 -1.28
N PHE A 118 23.69 6.27 -0.91
CA PHE A 118 24.20 5.81 0.36
C PHE A 118 25.06 4.56 0.23
N PRO A 119 26.29 4.61 0.71
CA PRO A 119 27.12 3.38 0.73
C PRO A 119 26.49 2.35 1.68
N PRO A 120 26.91 1.10 1.53
CA PRO A 120 26.56 0.06 2.49
C PRO A 120 26.99 0.50 3.89
N SER A 121 26.13 0.18 4.85
CA SER A 121 26.50 0.40 6.24
C SER A 121 27.56 -0.60 6.69
N SER A 122 28.30 -0.11 7.67
CA SER A 122 29.33 -0.93 8.31
C SER A 122 28.66 -2.18 8.87
N GLU A 123 27.48 -1.99 9.46
CA GLU A 123 26.75 -3.09 10.08
C GLU A 123 26.41 -4.19 9.10
N GLN A 124 25.94 -3.77 7.94
CA GLN A 124 25.57 -4.76 6.93
C GLN A 124 26.83 -5.47 6.43
N LEU A 125 27.92 -4.74 6.18
CA LEU A 125 29.10 -5.36 5.65
C LEU A 125 29.62 -6.50 6.54
N THR A 126 29.31 -6.43 7.84
CA THR A 126 29.76 -7.46 8.74
C THR A 126 29.16 -8.84 8.46
N GLY A 127 27.96 -8.90 7.93
CA GLY A 127 27.29 -10.15 7.61
C GLY A 127 27.60 -10.54 6.17
N GLY A 128 28.40 -9.77 5.41
CA GLY A 128 28.86 -10.25 4.11
C GLY A 128 28.12 -9.67 2.93
N GLY A 129 27.13 -8.81 3.19
CA GLY A 129 26.36 -8.25 2.09
C GLY A 129 26.59 -6.76 2.08
N ALA A 130 26.27 -6.18 0.94
CA ALA A 130 26.51 -4.78 0.65
C ALA A 130 25.44 -4.21 -0.25
N SER A 131 24.52 -3.47 0.35
CA SER A 131 23.46 -2.81 -0.41
C SER A 131 23.82 -1.33 -0.55
N VAL A 132 23.77 -0.86 -1.79
CA VAL A 132 23.93 0.55 -2.09
C VAL A 132 22.54 1.11 -2.37
N VAL A 133 22.16 2.19 -1.70
CA VAL A 133 20.79 2.65 -1.83
C VAL A 133 20.78 4.03 -2.46
N CYS A 134 19.81 4.25 -3.36
CA CYS A 134 19.58 5.56 -3.92
C CYS A 134 18.11 5.91 -3.76
N PHE A 135 17.86 7.10 -3.26
CA PHE A 135 16.51 7.66 -3.20
C PHE A 135 16.37 8.76 -4.24
N LEU A 136 15.25 8.75 -4.93
CA LEU A 136 14.91 9.75 -5.93
C LEU A 136 13.56 10.29 -5.50
N ASN A 137 13.56 11.45 -4.85
CA ASN A 137 12.39 11.86 -4.08
C ASN A 137 11.73 13.10 -4.63
N ASN A 138 10.39 13.11 -4.50
CA ASN A 138 9.53 14.22 -4.75
C ASN A 138 9.64 14.74 -6.19
N PHE A 139 9.41 13.87 -7.18
CA PHE A 139 9.44 14.28 -8.59
C PHE A 139 8.10 14.16 -9.24
N TYR A 140 7.99 14.82 -10.39
CA TYR A 140 6.81 14.78 -11.24
C TYR A 140 7.26 15.16 -12.63
N PRO A 141 6.83 14.50 -13.69
CA PRO A 141 5.89 13.39 -13.73
C PRO A 141 6.52 12.09 -13.26
N LYS A 142 5.67 11.08 -13.23
CA LYS A 142 6.00 9.81 -12.59
C LYS A 142 7.02 9.01 -13.37
N ASP A 143 7.13 9.23 -14.66
CA ASP A 143 8.10 8.47 -15.42
C ASP A 143 9.55 8.87 -15.09
N ILE A 144 10.38 7.87 -14.82
CA ILE A 144 11.75 8.13 -14.45
C ILE A 144 12.54 6.88 -14.77
N ASN A 145 13.80 7.07 -15.13
CA ASN A 145 14.66 5.94 -15.43
C ASN A 145 15.90 5.99 -14.53
N VAL A 146 16.28 4.90 -13.88
CA VAL A 146 17.43 4.93 -13.00
C VAL A 146 18.41 3.88 -13.50
N LYS A 147 19.66 4.23 -13.58
CA LYS A 147 20.74 3.36 -14.01
C LYS A 147 21.77 3.34 -12.88
N TRP A 148 22.32 2.18 -12.54
CA TRP A 148 23.47 2.09 -11.69
C TRP A 148 24.74 1.88 -12.53
N LYS A 149 25.82 2.55 -12.17
CA LYS A 149 27.08 2.36 -12.83
C LYS A 149 28.15 2.13 -11.77
N ILE A 150 28.94 1.10 -12.05
CA ILE A 150 30.01 0.68 -11.13
C ILE A 150 31.31 0.84 -11.93
N ASP A 151 32.19 1.74 -11.48
CA ASP A 151 33.39 2.07 -12.25
C ASP A 151 33.07 2.32 -13.71
N GLY A 152 31.96 3.04 -13.93
CA GLY A 152 31.65 3.38 -15.31
C GLY A 152 30.76 2.41 -16.06
N SER A 153 30.47 1.22 -15.55
CA SER A 153 29.70 0.23 -16.31
C SER A 153 28.35 0.02 -15.69
N GLU A 154 27.34 -0.06 -16.56
CA GLU A 154 25.95 -0.25 -16.11
C GLU A 154 25.77 -1.62 -15.52
N ARG A 155 25.02 -1.69 -14.45
CA ARG A 155 24.69 -2.95 -13.76
C ARG A 155 23.19 -3.03 -13.51
N GLN A 156 22.50 -4.10 -13.85
CA GLN A 156 21.12 -4.39 -13.51
C GLN A 156 20.92 -5.54 -12.53
N ASN A 157 21.79 -6.55 -12.64
CA ASN A 157 21.72 -7.67 -11.72
C ASN A 157 21.91 -7.14 -10.29
N GLY A 158 20.98 -7.58 -9.45
CA GLY A 158 21.00 -7.21 -8.06
C GLY A 158 20.29 -5.94 -7.74
N VAL A 159 19.60 -5.25 -8.65
CA VAL A 159 18.90 -4.01 -8.42
C VAL A 159 17.41 -4.29 -8.20
N LEU A 160 16.90 -3.74 -7.10
CA LEU A 160 15.50 -3.80 -6.74
C LEU A 160 14.99 -2.37 -6.52
N ASN A 161 13.92 -2.07 -7.19
CA ASN A 161 13.27 -0.79 -7.16
C ASN A 161 11.91 -0.80 -6.49
N SER A 162 11.58 0.35 -5.86
CA SER A 162 10.26 0.47 -5.24
C SER A 162 9.77 1.89 -5.37
N TRP A 163 8.50 2.09 -5.51
CA TRP A 163 7.92 3.38 -5.79
C TRP A 163 6.78 3.66 -4.81
N THR A 164 6.75 4.83 -4.22
CA THR A 164 5.58 5.24 -3.42
C THR A 164 4.40 5.51 -4.30
N ASP A 165 3.22 5.40 -3.71
CA ASP A 165 1.99 5.95 -4.27
C ASP A 165 2.13 7.45 -4.42
N GLN A 166 1.34 8.02 -5.33
CA GLN A 166 1.39 9.49 -5.44
C GLN A 166 1.14 10.18 -4.12
N ASP A 167 1.88 11.21 -3.77
CA ASP A 167 1.76 11.83 -2.45
C ASP A 167 0.44 12.55 -2.35
N SER A 168 -0.29 12.35 -1.27
CA SER A 168 -1.59 12.99 -1.16
C SER A 168 -1.54 14.46 -0.84
N LYS A 169 -0.40 14.96 -0.37
CA LYS A 169 -0.24 16.38 -0.12
C LYS A 169 0.28 17.16 -1.30
N ASP A 170 1.40 16.69 -1.86
CA ASP A 170 2.05 17.51 -2.90
C ASP A 170 1.99 16.91 -4.31
N SER A 171 1.41 15.74 -4.47
CA SER A 171 1.17 15.10 -5.78
C SER A 171 2.44 14.67 -6.47
N THR A 172 3.54 14.57 -5.77
CA THR A 172 4.78 14.04 -6.33
C THR A 172 4.89 12.53 -6.12
N TYR A 173 5.94 12.00 -6.72
CA TYR A 173 6.33 10.62 -6.63
C TYR A 173 7.72 10.48 -6.06
N SER A 174 8.00 9.34 -5.45
CA SER A 174 9.34 9.04 -4.93
C SER A 174 9.66 7.59 -5.33
N MET A 175 10.95 7.32 -5.41
CA MET A 175 11.46 5.98 -5.74
C MET A 175 12.68 5.65 -4.94
N SER A 176 12.84 4.37 -4.60
CA SER A 176 14.07 3.88 -4.08
C SER A 176 14.65 2.85 -5.05
N SER A 177 15.96 2.84 -5.17
CA SER A 177 16.67 1.81 -5.96
C SER A 177 17.79 1.25 -5.09
N THR A 178 17.83 -0.07 -4.95
CA THR A 178 18.78 -0.69 -4.06
C THR A 178 19.58 -1.72 -4.82
N LEU A 179 20.89 -1.56 -4.91
CA LEU A 179 21.79 -2.49 -5.59
C LEU A 179 22.45 -3.36 -4.53
N THR A 180 22.20 -4.65 -4.53
CA THR A 180 22.75 -5.51 -3.49
C THR A 180 23.83 -6.43 -4.07
N LEU A 181 25.04 -6.29 -3.50
CA LEU A 181 26.24 -6.97 -3.86
C LEU A 181 26.69 -7.81 -2.66
N THR A 182 27.66 -8.69 -2.91
CA THR A 182 28.34 -9.24 -1.75
C THR A 182 29.38 -8.20 -1.30
N LYS A 183 29.87 -8.40 -0.06
CA LYS A 183 30.90 -7.50 0.46
C LYS A 183 32.13 -7.61 -0.40
N ASP A 184 32.52 -8.85 -0.78
CA ASP A 184 33.74 -8.95 -1.56
C ASP A 184 33.69 -8.21 -2.88
N GLU A 185 32.59 -8.22 -3.57
CA GLU A 185 32.21 -7.70 -4.85
C GLU A 185 32.27 -6.17 -4.67
N TYR A 186 31.58 -5.72 -3.64
CA TYR A 186 31.56 -4.29 -3.32
C TYR A 186 32.98 -3.76 -3.21
N GLU A 187 33.85 -4.49 -2.53
CA GLU A 187 35.19 -4.02 -2.24
C GLU A 187 36.15 -4.20 -3.38
N ARG A 188 35.71 -4.74 -4.49
CA ARG A 188 36.53 -4.85 -5.69
C ARG A 188 36.32 -3.71 -6.66
N HIS A 189 35.40 -2.78 -6.35
CA HIS A 189 35.19 -1.63 -7.22
C HIS A 189 35.18 -0.35 -6.44
N ASN A 190 35.34 0.76 -7.17
CA ASN A 190 35.48 2.04 -6.47
C ASN A 190 34.30 3.01 -6.63
N SER A 191 34.01 3.43 -7.85
CA SER A 191 32.97 4.40 -8.08
C SER A 191 31.59 3.75 -8.19
N TYR A 192 30.63 4.22 -7.40
CA TYR A 192 29.27 3.77 -7.46
C TYR A 192 28.38 4.98 -7.77
N THR A 193 27.59 4.89 -8.79
CA THR A 193 26.79 5.97 -9.31
C THR A 193 25.34 5.56 -9.55
N CYS A 194 24.41 6.40 -9.08
CA CYS A 194 23.02 6.27 -9.44
C CYS A 194 22.68 7.46 -10.31
N GLU A 195 22.15 7.11 -11.47
CA GLU A 195 21.95 8.10 -12.53
C GLU A 195 20.48 8.06 -12.91
N ALA A 196 19.85 9.22 -12.81
CA ALA A 196 18.44 9.31 -13.11
C ALA A 196 18.22 10.18 -14.34
N THR A 197 17.32 9.67 -15.18
CA THR A 197 16.83 10.38 -16.35
C THR A 197 15.36 10.71 -16.12
N HIS A 198 15.08 12.01 -16.19
CA HIS A 198 13.77 12.54 -15.90
C HIS A 198 13.56 13.74 -16.82
N LYS A 199 12.30 13.99 -17.15
CA LYS A 199 12.08 14.98 -18.20
C LYS A 199 12.49 16.38 -17.75
N THR A 200 12.70 16.61 -16.45
CA THR A 200 13.04 17.91 -15.92
C THR A 200 14.47 18.32 -16.26
N SER A 201 15.30 17.43 -16.76
CA SER A 201 16.67 17.78 -17.14
C SER A 201 17.05 17.06 -18.41
N THR A 202 17.74 17.75 -19.31
CA THR A 202 18.21 17.07 -20.50
C THR A 202 19.42 16.17 -20.25
N SER A 203 20.03 16.41 -19.12
CA SER A 203 21.20 15.71 -18.66
C SER A 203 20.78 14.86 -17.47
N PRO A 204 21.30 13.64 -17.43
CA PRO A 204 20.98 12.80 -16.30
C PRO A 204 21.41 13.43 -14.99
N ILE A 205 20.66 13.11 -13.95
CA ILE A 205 21.04 13.54 -12.61
C ILE A 205 21.89 12.44 -11.99
N VAL A 206 23.10 12.79 -11.59
CA VAL A 206 24.09 11.81 -11.17
C VAL A 206 24.44 12.04 -9.72
N LYS A 207 24.35 10.98 -8.90
CA LYS A 207 24.95 11.00 -7.57
C LYS A 207 25.90 9.83 -7.43
N SER A 208 27.05 10.08 -6.83
CA SER A 208 28.06 9.06 -6.78
C SER A 208 28.84 9.17 -5.48
N PHE A 209 29.53 8.06 -5.22
CA PHE A 209 30.57 8.11 -4.21
C PHE A 209 31.67 7.16 -4.71
N ASN A 210 32.85 7.35 -4.16
CA ASN A 210 33.95 6.42 -4.38
C ASN A 210 34.20 5.66 -3.09
N ARG A 211 34.04 4.35 -3.14
CA ARG A 211 34.24 3.53 -1.92
C ARG A 211 35.55 3.88 -1.25
N ASN A 212 36.59 4.17 -1.99
CA ASN A 212 37.92 4.40 -1.49
C ASN A 212 38.17 5.65 -0.67
N GLU A 213 37.13 6.47 -0.78
CA GLU A 213 37.00 7.70 0.00
C GLU A 213 36.02 7.45 1.14
N GLN B 1 -23.17 5.81 16.16
CA GLN B 1 -21.74 5.50 16.02
C GLN B 1 -21.50 4.00 16.00
N VAL B 2 -21.85 3.47 14.82
CA VAL B 2 -21.52 2.10 14.46
C VAL B 2 -20.00 1.92 14.32
N GLN B 3 -19.49 0.84 14.87
CA GLN B 3 -18.08 0.45 14.78
C GLN B 3 -18.04 -1.06 14.51
N LEU B 4 -17.21 -1.42 13.51
CA LEU B 4 -16.90 -2.81 13.21
C LEU B 4 -15.39 -3.01 13.42
N GLN B 5 -15.05 -3.85 14.42
CA GLN B 5 -13.68 -4.06 14.80
C GLN B 5 -13.25 -5.45 14.45
N GLN B 6 -12.35 -5.66 13.55
CA GLN B 6 -11.90 -6.98 13.15
C GLN B 6 -10.67 -7.39 13.94
N SER B 7 -10.46 -8.69 13.94
CA SER B 7 -9.30 -9.36 14.56
C SER B 7 -8.01 -9.05 13.83
N ASP B 8 -6.88 -9.25 14.51
CA ASP B 8 -5.56 -8.95 14.00
C ASP B 8 -5.12 -9.86 12.88
N ALA B 9 -4.09 -9.36 12.18
CA ALA B 9 -3.46 -10.11 11.11
C ALA B 9 -3.05 -11.47 11.61
N GLU B 10 -3.09 -12.45 10.74
CA GLU B 10 -2.76 -13.80 11.01
C GLU B 10 -1.82 -14.38 9.95
N LEU B 11 -0.82 -15.13 10.39
CA LEU B 11 0.10 -15.88 9.57
C LEU B 11 -0.18 -17.34 9.89
N VAL B 12 -0.59 -18.14 8.92
CA VAL B 12 -0.90 -19.52 9.15
C VAL B 12 -0.29 -20.37 8.02
N LYS B 13 -0.06 -21.63 8.33
CA LYS B 13 0.50 -22.58 7.41
C LYS B 13 -0.54 -23.07 6.43
N PRO B 14 -0.07 -23.40 5.24
CA PRO B 14 -0.97 -24.06 4.29
C PRO B 14 -1.66 -25.27 4.91
N GLY B 15 -2.94 -25.42 4.63
CA GLY B 15 -3.77 -26.54 5.02
C GLY B 15 -4.44 -26.29 6.35
N ALA B 16 -4.07 -25.24 7.07
CA ALA B 16 -4.77 -24.97 8.34
C ALA B 16 -6.06 -24.18 8.07
N SER B 17 -6.73 -23.82 9.13
CA SER B 17 -7.94 -22.99 9.15
C SER B 17 -7.64 -21.77 9.98
N VAL B 18 -8.46 -20.78 9.75
CA VAL B 18 -8.42 -19.56 10.54
C VAL B 18 -9.85 -19.07 10.73
N LYS B 19 -10.09 -18.41 11.84
CA LYS B 19 -11.40 -17.85 12.16
C LYS B 19 -11.18 -16.37 12.47
N ILE B 20 -11.68 -15.49 11.63
CA ILE B 20 -11.56 -14.04 11.69
C ILE B 20 -12.86 -13.56 12.28
N SER B 21 -12.87 -12.57 13.13
CA SER B 21 -13.96 -11.91 13.77
C SER B 21 -14.15 -10.47 13.34
N CYS B 22 -15.41 -10.11 13.52
CA CYS B 22 -15.88 -8.77 13.24
C CYS B 22 -16.82 -8.38 14.38
N LYS B 23 -16.34 -7.58 15.31
CA LYS B 23 -17.14 -7.20 16.48
C LYS B 23 -17.87 -5.91 16.16
N ALA B 24 -19.18 -6.01 16.19
CA ALA B 24 -20.01 -4.89 15.80
C ALA B 24 -20.48 -4.23 17.10
N SER B 25 -20.59 -2.92 17.00
CA SER B 25 -21.21 -2.25 18.11
C SER B 25 -21.90 -1.00 17.63
N GLY B 26 -22.82 -0.52 18.44
CA GLY B 26 -23.44 0.77 18.17
C GLY B 26 -24.74 0.74 17.42
N TYR B 27 -25.28 -0.46 17.29
CA TYR B 27 -26.59 -0.65 16.66
C TYR B 27 -27.15 -1.95 17.16
N THR B 28 -28.39 -2.23 16.78
CA THR B 28 -29.04 -3.45 17.18
C THR B 28 -28.60 -4.57 16.22
N PHE B 29 -27.81 -5.48 16.76
CA PHE B 29 -27.08 -6.48 15.95
C PHE B 29 -27.99 -7.34 15.13
N THR B 30 -29.18 -7.61 15.62
CA THR B 30 -30.12 -8.47 14.92
C THR B 30 -30.92 -7.75 13.85
N ASP B 31 -30.70 -6.44 13.60
CA ASP B 31 -31.48 -5.73 12.62
C ASP B 31 -30.74 -5.46 11.32
N HIS B 32 -29.49 -5.97 11.19
CA HIS B 32 -28.72 -5.69 9.99
C HIS B 32 -27.84 -6.87 9.60
N ALA B 33 -27.72 -7.21 8.35
CA ALA B 33 -26.78 -8.20 7.88
C ALA B 33 -25.36 -7.70 7.81
N ILE B 34 -24.43 -8.62 7.88
CA ILE B 34 -23.00 -8.37 7.74
C ILE B 34 -22.47 -9.20 6.58
N HIS B 35 -21.85 -8.50 5.65
CA HIS B 35 -21.21 -9.10 4.49
C HIS B 35 -19.71 -9.15 4.64
N TRP B 36 -19.08 -10.05 3.91
CA TRP B 36 -17.63 -10.22 3.91
C TRP B 36 -17.11 -10.11 2.48
N VAL B 37 -15.98 -9.46 2.36
CA VAL B 37 -15.32 -9.21 1.10
C VAL B 37 -13.83 -9.55 1.22
N LYS B 38 -13.26 -10.02 0.13
CA LYS B 38 -11.85 -10.36 -0.02
C LYS B 38 -11.17 -9.33 -0.95
N GLN B 39 -9.98 -8.88 -0.61
CA GLN B 39 -9.26 -7.99 -1.52
C GLN B 39 -7.82 -8.48 -1.61
N LYS B 40 -7.40 -8.88 -2.78
CA LYS B 40 -6.04 -9.35 -3.01
C LYS B 40 -5.39 -8.21 -3.80
N PRO B 41 -4.12 -7.93 -3.56
CA PRO B 41 -3.46 -6.80 -4.23
C PRO B 41 -3.61 -6.84 -5.75
N GLY B 44 -8.44 -7.51 -7.50
CA GLY B 44 -9.32 -6.64 -6.76
C GLY B 44 -10.22 -7.24 -5.69
N LEU B 45 -11.49 -6.84 -5.72
CA LEU B 45 -12.39 -7.18 -4.62
C LEU B 45 -13.38 -8.28 -4.99
N GLU B 46 -13.61 -9.21 -4.07
CA GLU B 46 -14.57 -10.29 -4.28
C GLU B 46 -15.53 -10.34 -3.10
N TRP B 47 -16.79 -10.59 -3.40
CA TRP B 47 -17.82 -10.78 -2.38
C TRP B 47 -17.91 -12.22 -1.94
N ILE B 48 -17.83 -12.42 -0.64
CA ILE B 48 -17.81 -13.79 -0.09
C ILE B 48 -19.19 -14.30 0.26
N GLY B 49 -19.95 -13.47 0.98
CA GLY B 49 -21.23 -13.89 1.50
C GLY B 49 -21.72 -12.94 2.57
N TYR B 50 -22.85 -13.30 3.14
CA TYR B 50 -23.35 -12.56 4.28
C TYR B 50 -23.94 -13.48 5.31
N ILE B 51 -24.15 -12.92 6.48
CA ILE B 51 -24.95 -13.48 7.53
C ILE B 51 -25.89 -12.38 8.07
N SER B 52 -27.15 -12.76 8.27
CA SER B 52 -28.14 -11.91 8.90
C SER B 52 -28.42 -12.42 10.31
N PRO B 53 -27.77 -11.86 11.35
CA PRO B 53 -27.97 -12.44 12.69
C PRO B 53 -29.39 -12.51 13.15
N GLY B 54 -30.26 -11.62 12.75
CA GLY B 54 -31.61 -11.57 13.25
C GLY B 54 -32.41 -12.81 12.97
N ASN B 55 -32.23 -13.38 11.76
CA ASN B 55 -32.98 -14.55 11.39
C ASN B 55 -32.09 -15.72 11.03
N GLY B 56 -30.77 -15.58 11.11
CA GLY B 56 -29.86 -16.64 10.80
C GLY B 56 -29.69 -16.95 9.34
N ASP B 57 -30.13 -16.09 8.44
CA ASP B 57 -29.93 -16.30 7.01
C ASP B 57 -28.48 -16.12 6.67
N ILE B 58 -27.89 -17.11 6.00
CA ILE B 58 -26.55 -17.12 5.50
C ILE B 58 -26.55 -17.40 4.01
N LYS B 59 -25.81 -16.64 3.25
CA LYS B 59 -25.63 -16.88 1.83
C LYS B 59 -24.17 -16.75 1.43
N TYR B 60 -23.72 -17.60 0.54
CA TYR B 60 -22.38 -17.62 0.03
C TYR B 60 -22.32 -17.39 -1.46
N ASN B 61 -21.29 -16.66 -1.91
CA ASN B 61 -20.85 -16.76 -3.30
C ASN B 61 -20.47 -18.20 -3.52
N GLU B 62 -20.98 -18.84 -4.56
CA GLU B 62 -20.65 -20.22 -4.85
C GLU B 62 -19.16 -20.54 -4.84
N LYS B 63 -18.35 -19.56 -5.27
CA LYS B 63 -16.91 -19.72 -5.34
C LYS B 63 -16.33 -19.96 -3.95
N PHE B 64 -17.00 -19.44 -2.92
CA PHE B 64 -16.47 -19.52 -1.53
C PHE B 64 -17.22 -20.53 -0.67
N LYS B 65 -18.23 -21.21 -1.19
CA LYS B 65 -19.02 -22.16 -0.40
C LYS B 65 -18.19 -23.30 0.14
N GLY B 66 -17.15 -23.89 -0.43
CA GLY B 66 -16.48 -24.88 0.47
C GLY B 66 -15.26 -24.33 1.20
N LYS B 67 -15.07 -23.05 1.23
CA LYS B 67 -13.90 -22.34 1.73
C LYS B 67 -14.20 -21.54 3.01
N ALA B 68 -15.32 -20.86 2.98
CA ALA B 68 -15.76 -20.00 4.06
C ALA B 68 -16.96 -20.54 4.79
N THR B 69 -17.03 -20.33 6.10
CA THR B 69 -18.16 -20.66 6.95
C THR B 69 -18.44 -19.44 7.82
N LEU B 70 -19.63 -18.88 7.69
CA LEU B 70 -20.03 -17.67 8.40
C LEU B 70 -20.93 -18.04 9.57
N THR B 71 -20.63 -17.44 10.72
CA THR B 71 -21.44 -17.57 11.91
C THR B 71 -21.55 -16.23 12.61
N ALA B 72 -22.41 -16.18 13.60
CA ALA B 72 -22.58 -14.97 14.39
C ALA B 72 -22.92 -15.34 15.84
N ASP B 73 -22.35 -14.63 16.76
CA ASP B 73 -22.64 -14.78 18.17
C ASP B 73 -23.44 -13.55 18.60
N LYS B 74 -24.73 -13.64 18.75
CA LYS B 74 -25.62 -12.53 19.11
C LYS B 74 -25.25 -11.97 20.46
N SER B 75 -24.78 -12.84 21.37
CA SER B 75 -24.46 -12.36 22.72
C SER B 75 -23.34 -11.34 22.79
N SER B 76 -22.45 -11.45 21.83
CA SER B 76 -21.32 -10.55 21.79
C SER B 76 -21.27 -9.62 20.59
N SER B 77 -22.34 -9.63 19.79
CA SER B 77 -22.43 -8.88 18.54
C SER B 77 -21.23 -9.06 17.65
N THR B 78 -20.82 -10.33 17.51
CA THR B 78 -19.63 -10.64 16.74
C THR B 78 -19.99 -11.60 15.62
N ALA B 79 -19.59 -11.22 14.42
CA ALA B 79 -19.66 -12.07 13.24
C ALA B 79 -18.30 -12.74 13.03
N TYR B 80 -18.30 -14.01 12.62
CA TYR B 80 -17.11 -14.78 12.37
C TYR B 80 -17.11 -15.34 10.98
N MET B 81 -15.90 -15.40 10.40
CA MET B 81 -15.68 -16.11 9.15
C MET B 81 -14.49 -17.08 9.34
N GLN B 82 -14.82 -18.35 9.17
CA GLN B 82 -13.81 -19.38 9.22
C GLN B 82 -13.43 -19.78 7.82
N LEU B 83 -12.15 -19.78 7.51
CA LEU B 83 -11.64 -20.19 6.22
C LEU B 83 -10.87 -21.48 6.42
N ASN B 84 -11.22 -22.47 5.62
CA ASN B 84 -10.62 -23.81 5.80
C ASN B 84 -9.65 -24.13 4.65
N SER B 85 -8.85 -25.14 4.85
CA SER B 85 -7.97 -25.72 3.83
C SER B 85 -7.14 -24.64 3.18
N LEU B 86 -6.41 -23.86 3.97
CA LEU B 86 -5.88 -22.64 3.39
C LEU B 86 -4.73 -22.89 2.46
N THR B 87 -4.68 -22.02 1.44
CA THR B 87 -3.55 -22.00 0.53
C THR B 87 -3.08 -20.56 0.34
N SER B 88 -1.98 -20.40 -0.36
CA SER B 88 -1.50 -19.06 -0.70
C SER B 88 -2.55 -18.24 -1.44
N GLU B 89 -3.44 -18.88 -2.19
CA GLU B 89 -4.51 -18.11 -2.86
C GLU B 89 -5.44 -17.43 -1.86
N ASP B 90 -5.49 -17.87 -0.61
CA ASP B 90 -6.31 -17.24 0.42
C ASP B 90 -5.62 -16.07 1.08
N SER B 91 -4.33 -15.84 0.87
CA SER B 91 -3.67 -14.67 1.39
C SER B 91 -4.30 -13.42 0.77
N ALA B 92 -4.74 -12.51 1.64
CA ALA B 92 -5.57 -11.38 1.20
C ALA B 92 -5.95 -10.54 2.40
N VAL B 93 -6.56 -9.40 2.11
CA VAL B 93 -7.22 -8.64 3.17
C VAL B 93 -8.70 -8.97 3.14
N TYR B 94 -9.30 -9.22 4.30
CA TYR B 94 -10.69 -9.54 4.43
C TYR B 94 -11.37 -8.41 5.19
N PHE B 95 -12.50 -7.93 4.68
CA PHE B 95 -13.31 -6.94 5.34
C PHE B 95 -14.71 -7.48 5.66
N CYS B 96 -15.22 -7.03 6.77
CA CYS B 96 -16.66 -7.14 7.03
C CYS B 96 -17.29 -5.76 6.76
N LYS B 97 -18.59 -5.78 6.44
CA LYS B 97 -19.32 -4.56 6.13
C LYS B 97 -20.77 -4.73 6.48
N MET B 98 -21.36 -3.71 7.07
CA MET B 98 -22.81 -3.73 7.28
C MET B 98 -23.59 -3.58 6.00
N GLU B 99 -24.65 -4.36 5.84
CA GLU B 99 -25.45 -4.22 4.64
C GLU B 99 -26.08 -2.84 4.58
N TYR B 100 -26.06 -2.24 3.40
CA TYR B 100 -26.66 -0.96 3.01
C TYR B 100 -25.96 0.26 3.58
N LEU B 101 -25.41 0.15 4.77
CA LEU B 101 -24.77 1.27 5.41
C LEU B 101 -23.23 1.22 5.30
N ASP B 102 -22.63 2.38 5.22
CA ASP B 102 -21.22 2.57 4.93
C ASP B 102 -20.38 2.39 6.18
N TYR B 103 -20.52 1.25 6.80
CA TYR B 103 -19.70 0.86 7.96
C TYR B 103 -18.96 -0.41 7.66
N TRP B 104 -17.65 -0.34 7.71
CA TRP B 104 -16.75 -1.43 7.36
C TRP B 104 -15.76 -1.69 8.51
N GLY B 105 -15.35 -2.93 8.64
CA GLY B 105 -14.21 -3.20 9.52
C GLY B 105 -12.95 -2.63 8.84
N GLN B 106 -11.88 -2.63 9.59
CA GLN B 106 -10.62 -2.09 9.19
C GLN B 106 -9.82 -3.04 8.33
N GLY B 107 -10.28 -4.25 8.19
CA GLY B 107 -9.63 -5.30 7.46
C GLY B 107 -8.76 -6.19 8.33
N THR B 108 -8.64 -7.43 7.93
CA THR B 108 -7.74 -8.43 8.52
C THR B 108 -6.89 -9.02 7.43
N THR B 109 -5.57 -8.90 7.57
CA THR B 109 -4.68 -9.47 6.59
C THR B 109 -4.28 -10.89 6.94
N LEU B 110 -4.56 -11.81 6.03
CA LEU B 110 -4.15 -13.19 6.19
C LEU B 110 -3.00 -13.48 5.26
N THR B 111 -1.99 -14.11 5.84
CA THR B 111 -0.82 -14.59 5.10
C THR B 111 -0.81 -16.10 5.32
N VAL B 112 -0.89 -16.84 4.22
CA VAL B 112 -0.78 -18.29 4.24
C VAL B 112 0.58 -18.65 3.68
N SER B 113 1.47 -19.16 4.52
CA SER B 113 2.82 -19.48 4.03
C SER B 113 3.50 -20.45 4.99
N SER B 114 4.44 -21.25 4.49
CA SER B 114 5.30 -22.11 5.29
C SER B 114 6.52 -21.42 5.90
N GLY B 115 6.71 -20.15 5.65
CA GLY B 115 7.93 -19.37 5.84
C GLY B 115 8.09 -18.95 7.26
N GLY B 116 9.35 -18.84 7.74
CA GLY B 116 9.45 -18.53 9.14
C GLY B 116 9.32 -17.05 9.41
N THR B 117 8.63 -16.72 10.51
CA THR B 117 8.61 -15.36 11.04
C THR B 117 10.05 -14.99 11.36
N THR B 118 10.46 -13.87 10.81
CA THR B 118 11.84 -13.41 10.92
C THR B 118 11.88 -11.93 11.25
N PRO B 119 12.56 -11.46 12.30
CA PRO B 119 12.56 -10.03 12.58
C PRO B 119 13.47 -9.32 11.58
N PRO B 120 13.26 -8.01 11.35
CA PRO B 120 14.14 -7.29 10.46
C PRO B 120 15.50 -7.00 11.10
N SER B 121 16.48 -6.94 10.22
CA SER B 121 17.75 -6.29 10.45
C SER B 121 17.65 -4.87 9.90
N VAL B 122 18.05 -3.95 10.78
CA VAL B 122 17.91 -2.55 10.38
C VAL B 122 19.26 -1.89 10.31
N TYR B 123 19.54 -1.26 9.18
CA TYR B 123 20.83 -0.69 8.86
C TYR B 123 20.69 0.79 8.63
N PRO B 124 21.55 1.55 9.26
CA PRO B 124 21.47 3.01 9.10
C PRO B 124 22.10 3.41 7.78
N LEU B 125 21.43 4.37 7.15
CA LEU B 125 21.93 4.95 5.92
C LEU B 125 22.34 6.40 6.16
N ALA B 126 23.64 6.59 6.26
CA ALA B 126 24.15 7.94 6.50
C ALA B 126 24.91 8.36 5.26
N PRO B 127 24.95 9.64 4.99
CA PRO B 127 25.62 10.04 3.73
C PRO B 127 27.10 9.66 3.76
N GLY B 128 27.70 9.47 2.57
CA GLY B 128 29.11 9.11 2.55
C GLY B 128 29.89 10.31 3.10
N SER B 129 31.04 9.97 3.66
CA SER B 129 31.99 10.82 4.36
C SER B 129 32.29 12.08 3.56
N ALA B 130 32.31 11.86 2.23
CA ALA B 130 32.67 12.95 1.34
C ALA B 130 31.47 13.58 0.65
N ALA B 131 30.24 13.29 1.10
CA ALA B 131 29.10 13.95 0.48
C ALA B 131 29.02 15.43 0.91
N GLN B 132 28.28 16.20 0.12
CA GLN B 132 28.00 17.62 0.16
C GLN B 132 29.08 18.40 -0.60
N THR B 135 22.29 20.54 0.57
CA THR B 135 23.03 21.61 1.26
C THR B 135 22.34 22.07 2.54
N ASN B 136 21.33 22.95 2.48
CA ASN B 136 20.63 23.28 3.70
C ASN B 136 19.89 22.08 4.28
N SER B 137 19.66 21.01 3.53
CA SER B 137 18.93 19.85 3.94
C SER B 137 19.79 18.60 3.74
N VAL B 138 19.54 17.62 4.59
CA VAL B 138 20.25 16.35 4.44
C VAL B 138 19.24 15.22 4.49
N THR B 139 19.48 14.23 3.63
CA THR B 139 18.64 13.03 3.60
C THR B 139 19.36 11.87 4.26
N LEU B 140 18.67 11.19 5.14
CA LEU B 140 19.16 10.02 5.85
C LEU B 140 18.21 8.87 5.57
N GLY B 141 18.56 7.65 5.94
CA GLY B 141 17.57 6.59 5.69
C GLY B 141 17.88 5.40 6.55
N CYS B 142 17.06 4.40 6.35
CA CYS B 142 17.15 3.16 7.08
C CYS B 142 16.78 2.06 6.11
N LEU B 143 17.57 1.00 6.05
CA LEU B 143 17.34 -0.17 5.25
C LEU B 143 16.85 -1.26 6.20
N VAL B 144 15.68 -1.78 5.92
CA VAL B 144 14.94 -2.65 6.79
C VAL B 144 14.87 -3.93 6.00
N LYS B 145 15.78 -4.81 6.38
CA LYS B 145 16.07 -5.95 5.57
C LYS B 145 15.85 -7.28 6.29
N GLY B 146 15.29 -8.19 5.50
CA GLY B 146 15.17 -9.57 5.90
C GLY B 146 14.08 -9.98 6.84
N TYR B 147 12.87 -9.48 6.71
CA TYR B 147 11.81 -9.81 7.65
C TYR B 147 10.69 -10.58 6.94
N PHE B 148 9.89 -11.27 7.75
CA PHE B 148 8.69 -11.92 7.32
C PHE B 148 7.78 -12.20 8.53
N PRO B 149 6.47 -12.07 8.42
CA PRO B 149 5.67 -11.59 7.30
C PRO B 149 5.70 -10.06 7.27
N GLU B 150 4.94 -9.47 6.35
CA GLU B 150 4.59 -8.06 6.45
C GLU B 150 3.59 -7.85 7.56
N PRO B 151 3.47 -6.63 8.09
CA PRO B 151 4.24 -5.45 7.77
C PRO B 151 5.29 -5.11 8.83
N VAL B 152 6.03 -4.03 8.56
CA VAL B 152 6.74 -3.30 9.58
C VAL B 152 6.17 -1.89 9.59
N THR B 153 6.35 -1.20 10.67
CA THR B 153 6.05 0.23 10.74
C THR B 153 7.37 0.96 11.04
N VAL B 154 7.66 1.98 10.26
CA VAL B 154 8.83 2.82 10.43
C VAL B 154 8.46 4.22 10.88
N THR B 155 9.12 4.74 11.87
CA THR B 155 9.07 6.14 12.30
C THR B 155 10.49 6.64 12.45
N TRP B 156 10.56 7.95 12.62
CA TRP B 156 11.80 8.64 12.85
C TRP B 156 11.60 9.50 14.08
N ASN B 157 12.54 9.37 14.99
CA ASN B 157 12.49 10.07 16.28
C ASN B 157 11.13 9.89 16.92
N SER B 158 10.75 8.61 16.90
CA SER B 158 9.48 8.22 17.54
C SER B 158 8.30 8.98 16.99
N GLY B 159 8.39 9.47 15.74
CA GLY B 159 7.20 10.14 15.24
C GLY B 159 7.38 11.62 15.17
N SER B 160 8.39 12.18 15.88
CA SER B 160 8.56 13.63 15.91
C SER B 160 9.10 14.17 14.59
N LEU B 161 9.78 13.35 13.79
CA LEU B 161 10.13 13.71 12.42
C LEU B 161 9.04 13.15 11.51
N SER B 162 8.13 13.95 11.01
CA SER B 162 6.95 13.45 10.28
C SER B 162 6.97 13.82 8.81
N SER B 163 7.34 15.09 8.61
CA SER B 163 7.53 15.65 7.29
C SER B 163 8.86 15.17 6.71
N GLY B 164 8.92 15.21 5.39
CA GLY B 164 10.07 14.75 4.69
C GLY B 164 10.36 13.28 4.83
N VAL B 165 9.41 12.40 5.14
CA VAL B 165 9.61 10.96 5.27
C VAL B 165 9.02 10.23 4.07
N HIS B 166 9.79 9.29 3.50
CA HIS B 166 9.28 8.41 2.49
C HIS B 166 9.63 6.97 2.85
N THR B 167 8.63 6.18 3.12
CA THR B 167 8.78 4.76 3.44
C THR B 167 8.20 3.99 2.29
N PHE B 168 9.06 3.22 1.63
CA PHE B 168 8.77 2.59 0.37
C PHE B 168 8.10 1.23 0.56
N PRO B 169 7.30 0.83 -0.41
CA PRO B 169 6.72 -0.52 -0.34
C PRO B 169 7.83 -1.58 -0.33
N ALA B 170 7.61 -2.63 0.41
CA ALA B 170 8.57 -3.70 0.53
C ALA B 170 8.60 -4.55 -0.75
N VAL B 171 9.78 -5.17 -0.90
CA VAL B 171 10.03 -6.12 -1.99
C VAL B 171 10.37 -7.46 -1.35
N LEU B 172 9.80 -8.50 -1.93
CA LEU B 172 9.83 -9.88 -1.52
C LEU B 172 10.88 -10.66 -2.29
N GLN B 173 11.78 -11.31 -1.56
CA GLN B 173 12.76 -12.20 -2.18
C GLN B 173 13.18 -13.29 -1.22
N SER B 174 13.15 -14.56 -1.64
CA SER B 174 13.59 -15.67 -0.83
C SER B 174 12.93 -15.64 0.54
N ASP B 175 11.63 -15.38 0.53
CA ASP B 175 10.76 -15.55 1.68
C ASP B 175 11.03 -14.43 2.66
N LEU B 176 11.69 -13.35 2.21
CA LEU B 176 11.95 -12.24 3.11
C LEU B 176 11.66 -10.93 2.38
N TYR B 177 11.20 -9.98 3.17
CA TYR B 177 10.94 -8.63 2.70
C TYR B 177 12.06 -7.68 3.07
N THR B 178 12.22 -6.69 2.17
CA THR B 178 13.13 -5.56 2.40
C THR B 178 12.47 -4.24 2.03
N LEU B 179 12.64 -3.22 2.82
CA LEU B 179 12.24 -1.90 2.38
C LEU B 179 13.28 -0.93 2.88
N SER B 180 13.16 0.30 2.45
CA SER B 180 13.95 1.41 2.94
C SER B 180 12.99 2.55 3.28
N SER B 181 13.45 3.43 4.12
CA SER B 181 12.80 4.68 4.46
C SER B 181 13.86 5.78 4.42
N SER B 182 13.48 6.93 3.85
CA SER B 182 14.29 8.12 3.84
C SER B 182 13.60 9.19 4.70
N VAL B 183 14.42 10.04 5.29
CA VAL B 183 13.96 11.28 5.94
C VAL B 183 14.93 12.38 5.58
N THR B 184 14.36 13.56 5.38
CA THR B 184 15.11 14.75 5.06
C THR B 184 14.92 15.78 6.15
N VAL B 185 16.02 16.24 6.72
CA VAL B 185 16.00 17.21 7.80
C VAL B 185 16.93 18.38 7.51
N PRO B 186 16.75 19.50 8.21
CA PRO B 186 17.74 20.57 8.03
C PRO B 186 19.11 20.13 8.53
N SER B 187 20.20 20.55 7.86
CA SER B 187 21.58 20.22 8.20
C SER B 187 21.96 20.76 9.57
N SER B 188 21.28 21.80 10.05
CA SER B 188 21.60 22.32 11.38
C SER B 188 21.17 21.40 12.49
N THR B 189 20.35 20.39 12.20
CA THR B 189 19.88 19.50 13.24
C THR B 189 20.54 18.13 13.21
N TRP B 190 21.38 17.79 12.24
CA TRP B 190 22.06 16.50 12.13
C TRP B 190 23.39 16.74 11.49
N PRO B 191 24.51 16.24 12.01
CA PRO B 191 24.52 15.30 13.13
C PRO B 191 24.50 15.92 14.51
N SER B 192 24.43 17.25 14.64
CA SER B 192 24.59 17.84 15.95
C SER B 192 23.49 17.41 16.91
N GLN B 193 22.36 16.99 16.39
CA GLN B 193 21.26 16.42 17.15
C GLN B 193 20.92 15.01 16.63
N SER B 194 20.32 14.19 17.46
CA SER B 194 20.07 12.80 17.11
C SER B 194 18.92 12.57 16.14
N VAL B 195 19.18 11.61 15.25
CA VAL B 195 18.15 11.10 14.35
C VAL B 195 18.19 9.59 14.33
N THR B 196 17.05 8.97 14.58
CA THR B 196 16.92 7.56 14.87
C THR B 196 15.74 7.00 14.12
N CYS B 197 15.93 5.89 13.40
CA CYS B 197 14.75 5.20 12.84
C CYS B 197 14.29 4.18 13.83
N ASN B 198 12.98 4.06 13.97
CA ASN B 198 12.32 3.11 14.87
C ASN B 198 11.51 2.18 13.98
N VAL B 199 11.79 0.90 14.06
CA VAL B 199 11.18 -0.14 13.25
C VAL B 199 10.44 -1.16 14.11
N ALA B 200 9.09 -1.20 14.01
CA ALA B 200 8.33 -2.21 14.72
C ALA B 200 7.96 -3.30 13.75
N HIS B 201 8.08 -4.55 14.14
CA HIS B 201 7.58 -5.72 13.40
C HIS B 201 6.65 -6.49 14.32
N PRO B 202 5.35 -6.24 14.22
CA PRO B 202 4.39 -6.87 15.13
C PRO B 202 4.46 -8.38 15.14
N ALA B 203 4.69 -9.02 14.02
CA ALA B 203 4.58 -10.48 13.99
C ALA B 203 5.63 -11.10 14.89
N SER B 204 6.77 -10.44 15.09
CA SER B 204 7.79 -10.97 15.98
C SER B 204 7.84 -10.26 17.33
N SER B 205 6.92 -9.33 17.50
CA SER B 205 6.77 -8.49 18.69
C SER B 205 8.03 -7.70 19.01
N THR B 206 8.77 -7.34 17.97
CA THR B 206 9.96 -6.53 18.15
C THR B 206 9.80 -5.09 17.67
N ALA B 207 10.59 -4.23 18.26
CA ALA B 207 10.82 -2.87 17.82
C ALA B 207 12.32 -2.61 17.95
N VAL B 208 12.95 -2.13 16.90
CA VAL B 208 14.41 -1.89 16.84
C VAL B 208 14.62 -0.42 16.55
N ASP B 209 15.55 0.23 17.17
CA ASP B 209 15.88 1.62 16.98
C ASP B 209 17.29 1.66 16.43
N LYS B 210 17.50 2.38 15.34
CA LYS B 210 18.83 2.54 14.81
C LYS B 210 19.16 4.02 14.69
N LYS B 211 20.13 4.51 15.43
CA LYS B 211 20.61 5.88 15.37
C LYS B 211 21.46 6.04 14.11
N ILE B 212 21.21 7.13 13.40
CA ILE B 212 21.99 7.46 12.23
C ILE B 212 23.17 8.33 12.67
N ALA B 213 24.33 7.74 12.59
CA ALA B 213 25.56 8.37 13.03
C ALA B 213 26.39 8.73 11.83
N PRO B 214 27.06 9.86 11.79
CA PRO B 214 27.83 10.22 10.60
C PRO B 214 28.96 9.20 10.43
N ALA B 215 29.32 9.02 9.17
CA ALA B 215 30.29 8.02 8.79
C ALA B 215 31.67 8.62 8.53
C1 RAC C . -21.16 -6.15 0.30
C2 RAC C . -22.41 -5.64 0.62
C3 RAC C . -22.92 -4.52 -0.02
C4 RAC C . -22.12 -3.84 -1.01
C5 RAC C . -20.87 -4.36 -1.26
C6 RAC C . -20.41 -5.49 -0.63
C7 RAC C . -24.30 -4.01 0.41
N1 RAC C . -25.26 -3.85 -0.55
C8 RAC C . -25.24 -4.33 -1.94
C9 RAC C . -26.58 -3.26 -0.10
O1 RAC C . -24.44 -3.55 1.54
N2 RAC C . -22.50 -2.80 -1.76
C10 RAC C . -23.05 -1.60 -1.30
O2 RAC C . -23.20 -1.49 -0.06
O3 RAC C . -23.43 -0.71 -2.22
C11 RAC C . -24.04 0.48 -1.64
C12 RAC C . -25.55 0.42 -1.42
C13 RAC C . -26.34 -0.33 -2.28
C14 RAC C . -27.70 -0.33 -2.12
C15 RAC C . -28.33 0.42 -1.13
C16 RAC C . -27.53 1.16 -0.27
C17 RAC C . -26.14 1.15 -0.38
C18 RAC C . -29.84 0.37 -1.07
O4 RAC C . -30.48 -0.23 -1.99
O5 RAC C . -30.40 0.96 -0.12
#